data_4L4Z
#
_entry.id   4L4Z
#
_cell.length_a   117.689
_cell.length_b   117.689
_cell.length_c   79.372
_cell.angle_alpha   90.00
_cell.angle_beta   90.00
_cell.angle_gamma   120.00
#
_symmetry.space_group_name_H-M   'P 65'
#
loop_
_entity.id
_entity.type
_entity.pdbx_description
1 polymer 'Transcriptional regulator LsrR'
2 non-polymer '(2S)-2,3,3-trihydroxy-4-oxopentyl dihydrogen phosphate'
3 water water
#
_entity_poly.entity_id   1
_entity_poly.type   'polypeptide(L)'
_entity_poly.pdbx_seq_one_letter_code
;SKGHQSGIIRVQINSRFEGCLEYETQLRRQFSLQHVRVIPGLADADVGGRLGIGAAHMLMSLLQPQQMLAIGFGEATMNT
LQRLSGFISSQQIRLVTLSGGVGSYMTGIGQLNAACSVNIIPAPLRASSADIARTLKNENCVKDVLLAAQAADVAIVGIG
AVSQQDDATIIRSGYISQGEQLMIGRKGAVGDILGYFFDAKGDVVTNIKIHNELIGLPLSALKTIPVRVGVAGGENKAEA
IAAAMKGGYINALVTDQDTAAAILRS
;
_entity_poly.pdbx_strand_id   A,B
#
loop_
_chem_comp.id
_chem_comp.type
_chem_comp.name
_chem_comp.formula
D5X non-polymer '(2S)-2,3,3-trihydroxy-4-oxopentyl dihydrogen phosphate' 'C5 H11 O8 P'
#
# COMPACT_ATOMS: atom_id res chain seq x y z
N GLU A 18 -6.36 -32.49 27.83
CA GLU A 18 -5.64 -31.33 27.25
C GLU A 18 -5.43 -30.25 28.29
N GLY A 19 -4.16 -29.92 28.56
CA GLY A 19 -3.78 -28.74 29.33
C GLY A 19 -4.38 -27.45 28.74
N CYS A 20 -4.55 -27.43 27.41
CA CYS A 20 -5.03 -26.28 26.64
C CYS A 20 -6.45 -25.82 26.97
N LEU A 21 -7.39 -26.73 27.13
CA LEU A 21 -8.73 -26.32 27.53
C LEU A 21 -8.67 -25.68 28.90
N GLU A 22 -7.85 -26.27 29.75
CA GLU A 22 -7.82 -25.84 31.14
C GLU A 22 -7.22 -24.43 31.24
N TYR A 23 -6.14 -24.21 30.47
CA TYR A 23 -5.52 -22.91 30.32
C TYR A 23 -6.49 -21.93 29.69
N GLU A 24 -7.21 -22.39 28.66
CA GLU A 24 -8.22 -21.53 28.08
C GLU A 24 -9.21 -21.07 29.12
N THR A 25 -9.63 -21.98 30.00
CA THR A 25 -10.70 -21.64 30.97
C THR A 25 -10.17 -20.64 32.01
N GLN A 26 -8.95 -20.83 32.43
CA GLN A 26 -8.42 -19.95 33.46
C GLN A 26 -8.14 -18.56 32.95
N LEU A 27 -7.60 -18.48 31.74
CA LEU A 27 -7.29 -17.17 31.14
C LEU A 27 -8.61 -16.45 30.92
N ARG A 28 -9.56 -17.17 30.34
CA ARG A 28 -10.88 -16.63 30.12
C ARG A 28 -11.50 -16.06 31.40
N ARG A 29 -11.31 -16.73 32.52
CA ARG A 29 -11.91 -16.29 33.79
C ARG A 29 -11.15 -15.17 34.47
N GLN A 30 -9.81 -15.24 34.42
CA GLN A 30 -8.97 -14.28 35.13
C GLN A 30 -8.93 -12.95 34.45
N PHE A 31 -9.05 -12.97 33.13
CA PHE A 31 -9.00 -11.71 32.40
C PHE A 31 -10.35 -11.32 31.83
N SER A 32 -11.40 -12.04 32.29
CA SER A 32 -12.75 -11.85 31.77
C SER A 32 -12.78 -11.72 30.24
N LEU A 33 -12.17 -12.65 29.53
CA LEU A 33 -12.19 -12.59 28.07
C LEU A 33 -13.48 -13.13 27.49
N GLN A 34 -13.85 -12.66 26.32
CA GLN A 34 -14.95 -13.24 25.60
C GLN A 34 -14.58 -14.52 24.82
N HIS A 35 -13.36 -14.58 24.28
CA HIS A 35 -12.86 -15.75 23.50
C HIS A 35 -11.34 -15.99 23.75
N VAL A 36 -10.89 -17.24 23.80
CA VAL A 36 -9.49 -17.59 24.03
C VAL A 36 -9.17 -18.89 23.32
N ARG A 37 -8.00 -18.98 22.71
CA ARG A 37 -7.50 -20.21 22.18
C ARG A 37 -6.05 -20.32 22.67
N VAL A 38 -5.76 -21.45 23.31
CA VAL A 38 -4.41 -21.78 23.73
C VAL A 38 -3.99 -22.97 22.89
N ILE A 39 -2.88 -22.84 22.19
CA ILE A 39 -2.41 -23.83 21.25
C ILE A 39 -1.36 -24.72 21.94
N PRO A 40 -1.45 -26.06 21.78
CA PRO A 40 -0.33 -26.88 22.27
C PRO A 40 1.00 -26.28 21.84
N GLY A 41 1.71 -25.66 22.78
CA GLY A 41 3.01 -25.04 22.50
C GLY A 41 4.09 -25.90 23.11
N LEU A 42 4.01 -27.20 22.85
CA LEU A 42 4.74 -28.22 23.61
C LEU A 42 5.17 -29.39 22.70
N ALA A 43 6.45 -29.55 22.38
CA ALA A 43 7.51 -28.56 22.55
C ALA A 43 7.96 -28.13 21.15
N ASP A 44 7.04 -28.23 20.17
CA ASP A 44 7.34 -28.10 18.74
C ASP A 44 7.77 -26.71 18.29
N ALA A 45 8.70 -26.70 17.34
CA ALA A 45 9.40 -25.49 16.93
C ALA A 45 8.82 -24.86 15.68
N ASP A 46 7.49 -24.77 15.59
CA ASP A 46 6.84 -23.93 14.58
C ASP A 46 5.61 -23.26 15.20
N VAL A 47 5.88 -22.22 15.99
CA VAL A 47 4.87 -21.58 16.80
C VAL A 47 4.37 -20.32 16.10
N GLY A 48 5.30 -19.59 15.46
CA GLY A 48 4.94 -18.41 14.70
C GLY A 48 3.81 -18.69 13.70
N GLY A 49 3.77 -19.93 13.17
CA GLY A 49 2.81 -20.31 12.13
C GLY A 49 1.61 -21.01 12.71
N ARG A 50 1.82 -21.81 13.74
CA ARG A 50 0.70 -22.44 14.40
C ARG A 50 -0.22 -21.42 15.04
N LEU A 51 0.36 -20.28 15.44
CA LEU A 51 -0.41 -19.16 15.97
C LEU A 51 -1.33 -18.51 14.93
N GLY A 52 -0.78 -18.23 13.76
CA GLY A 52 -1.50 -17.64 12.67
C GLY A 52 -2.65 -18.55 12.29
N ILE A 53 -2.39 -19.87 12.27
CA ILE A 53 -3.47 -20.82 12.01
C ILE A 53 -4.53 -20.69 13.08
N GLY A 54 -4.12 -20.65 14.34
CA GLY A 54 -5.11 -20.57 15.44
C GLY A 54 -5.95 -19.30 15.46
N ALA A 55 -5.32 -18.17 15.10
CA ALA A 55 -6.06 -16.92 15.04
C ALA A 55 -6.95 -16.85 13.82
N ALA A 56 -6.49 -17.39 12.71
CA ALA A 56 -7.34 -17.46 11.51
C ALA A 56 -8.64 -18.25 11.85
N HIS A 57 -8.50 -19.37 12.55
CA HIS A 57 -9.68 -20.19 12.89
C HIS A 57 -10.58 -19.41 13.79
N MET A 58 -10.01 -18.72 14.78
CA MET A 58 -10.86 -17.93 15.68
C MET A 58 -11.60 -16.84 14.93
N LEU A 59 -10.88 -16.18 14.00
CA LEU A 59 -11.50 -15.13 13.18
C LEU A 59 -12.56 -15.66 12.22
N MET A 60 -12.37 -16.90 11.76
CA MET A 60 -13.40 -17.53 10.92
C MET A 60 -14.68 -17.79 11.64
N SER A 61 -14.61 -17.98 12.95
CA SER A 61 -15.80 -18.24 13.74
C SER A 61 -16.44 -16.94 14.16
N LEU A 62 -15.72 -15.82 14.07
CA LEU A 62 -16.22 -14.56 14.60
C LEU A 62 -16.79 -13.60 13.58
N LEU A 63 -16.34 -13.69 12.34
CA LEU A 63 -16.75 -12.74 11.35
C LEU A 63 -17.90 -13.32 10.53
N GLN A 64 -18.93 -12.50 10.30
CA GLN A 64 -19.99 -12.86 9.41
C GLN A 64 -19.66 -12.31 8.04
N PRO A 65 -20.39 -12.74 7.03
CA PRO A 65 -20.12 -12.26 5.68
C PRO A 65 -20.33 -10.75 5.57
N GLN A 66 -19.47 -10.08 4.81
CA GLN A 66 -19.53 -8.64 4.63
C GLN A 66 -19.12 -7.75 5.80
N GLN A 67 -18.74 -8.33 6.93
CA GLN A 67 -18.28 -7.50 8.04
C GLN A 67 -16.91 -6.95 7.79
N MET A 68 -16.53 -6.00 8.63
CA MET A 68 -15.24 -5.39 8.43
C MET A 68 -14.22 -5.80 9.53
N LEU A 69 -13.05 -6.24 9.08
CA LEU A 69 -11.90 -6.63 9.93
C LEU A 69 -10.80 -5.60 9.87
N ALA A 70 -10.48 -5.06 11.02
CA ALA A 70 -9.33 -4.13 11.16
C ALA A 70 -8.04 -4.88 11.56
N ILE A 71 -6.97 -4.64 10.80
CA ILE A 71 -5.69 -5.30 11.02
C ILE A 71 -4.56 -4.42 11.51
N GLY A 72 -3.77 -5.00 12.40
CA GLY A 72 -2.70 -4.33 13.05
C GLY A 72 -1.38 -4.53 12.32
N PHE A 73 -0.31 -4.06 12.91
CA PHE A 73 1.05 -4.13 12.35
C PHE A 73 1.73 -5.40 12.88
N GLY A 74 2.58 -6.01 12.06
CA GLY A 74 3.59 -6.93 12.55
C GLY A 74 3.47 -8.35 12.08
N GLU A 75 4.14 -9.24 12.79
CA GLU A 75 4.45 -10.58 12.31
C GLU A 75 3.29 -11.53 12.50
N ALA A 76 2.80 -11.61 13.73
CA ALA A 76 1.68 -12.51 13.98
C ALA A 76 0.43 -12.12 13.15
N THR A 77 0.12 -10.83 13.05
CA THR A 77 -1.05 -10.44 12.25
C THR A 77 -0.89 -10.66 10.73
N MET A 78 0.27 -10.39 10.17
CA MET A 78 0.51 -10.68 8.72
C MET A 78 0.46 -12.16 8.42
N ASN A 79 1.05 -12.93 9.33
CA ASN A 79 0.99 -14.36 9.23
C ASN A 79 -0.46 -14.83 9.31
N THR A 80 -1.26 -14.27 10.22
CA THR A 80 -2.68 -14.63 10.33
C THR A 80 -3.47 -14.23 9.08
N LEU A 81 -3.14 -13.08 8.53
CA LEU A 81 -3.85 -12.60 7.39
C LEU A 81 -3.66 -13.53 6.19
N GLN A 82 -2.45 -14.04 5.98
CA GLN A 82 -2.21 -14.97 4.87
C GLN A 82 -3.02 -16.24 4.98
N ARG A 83 -3.15 -16.77 6.19
CA ARG A 83 -3.99 -17.96 6.36
C ARG A 83 -5.44 -17.70 6.00
N LEU A 84 -5.89 -16.49 6.30
CA LEU A 84 -7.28 -16.12 6.19
C LEU A 84 -7.64 -15.66 4.79
N SER A 85 -6.70 -15.62 3.83
CA SER A 85 -7.02 -14.97 2.51
C SER A 85 -8.18 -15.56 1.73
N GLY A 86 -8.27 -16.88 1.67
CA GLY A 86 -9.45 -17.51 1.05
C GLY A 86 -10.79 -17.24 1.73
N PHE A 87 -10.86 -17.28 3.07
CA PHE A 87 -12.11 -16.89 3.81
C PHE A 87 -12.50 -15.42 3.55
N ILE A 88 -11.50 -14.57 3.35
CA ILE A 88 -11.71 -13.16 3.09
C ILE A 88 -12.49 -12.91 1.78
N SER A 89 -12.07 -13.51 0.69
CA SER A 89 -12.79 -13.38 -0.63
C SER A 89 -14.19 -13.95 -0.57
N SER A 90 -14.26 -15.22 -0.23
CA SER A 90 -15.50 -15.96 -0.18
C SER A 90 -16.56 -15.38 0.73
N GLN A 91 -16.20 -14.91 1.93
CA GLN A 91 -17.20 -14.23 2.76
C GLN A 91 -17.24 -12.70 2.54
N GLN A 92 -16.46 -12.22 1.60
CA GLN A 92 -16.48 -10.79 1.28
C GLN A 92 -16.26 -9.95 2.51
N ILE A 93 -15.17 -10.23 3.21
CA ILE A 93 -14.78 -9.45 4.36
C ILE A 93 -14.03 -8.20 3.88
N ARG A 94 -14.35 -7.07 4.51
CA ARG A 94 -13.63 -5.83 4.24
C ARG A 94 -12.50 -5.66 5.26
N LEU A 95 -11.33 -5.31 4.77
CA LEU A 95 -10.19 -5.04 5.55
C LEU A 95 -9.85 -3.55 5.62
N VAL A 96 -9.36 -3.14 6.79
CA VAL A 96 -8.89 -1.80 7.01
C VAL A 96 -7.64 -1.80 7.92
N THR A 97 -6.66 -0.95 7.63
CA THR A 97 -5.45 -0.86 8.45
C THR A 97 -5.63 0.02 9.66
N LEU A 98 -5.21 -0.50 10.81
CA LEU A 98 -5.32 0.16 12.09
C LEU A 98 -4.21 1.18 12.19
N SER A 99 -3.10 0.88 11.54
CA SER A 99 -1.95 1.80 11.60
C SER A 99 -1.35 2.11 10.21
N GLY A 100 -0.53 3.15 10.17
CA GLY A 100 0.33 3.41 9.04
C GLY A 100 1.39 2.33 8.94
N GLY A 101 2.19 2.39 7.89
CA GLY A 101 3.28 1.45 7.76
C GLY A 101 2.96 0.50 6.67
N VAL A 102 2.73 1.17 5.52
CA VAL A 102 2.02 0.71 4.31
C VAL A 102 2.54 -0.59 3.64
N GLY A 103 3.85 -0.55 3.35
CA GLY A 103 4.55 -1.60 2.63
C GLY A 103 4.60 -2.88 3.42
N SER A 104 4.90 -2.73 4.72
CA SER A 104 4.95 -3.83 5.71
C SER A 104 3.70 -4.72 5.72
N TYR A 105 2.56 -4.04 5.72
CA TYR A 105 1.34 -4.58 5.14
C TYR A 105 1.74 -5.07 3.74
N MET A 106 0.83 -5.26 2.80
CA MET A 106 -0.07 -6.39 2.77
C MET A 106 0.89 -6.99 1.75
N THR A 107 0.80 -6.39 0.56
CA THR A 107 1.89 -6.18 -0.42
C THR A 107 2.10 -7.41 -1.29
N GLY A 108 0.96 -7.86 -1.82
CA GLY A 108 0.81 -9.21 -2.31
C GLY A 108 -0.28 -9.81 -1.44
N ILE A 109 0.13 -10.26 -0.25
CA ILE A 109 -0.76 -10.90 0.77
C ILE A 109 -1.62 -12.08 0.28
N GLY A 110 -1.89 -12.16 -1.03
CA GLY A 110 -2.62 -13.29 -1.56
C GLY A 110 -3.93 -12.91 -2.19
N GLN A 111 -4.30 -11.63 -2.15
CA GLN A 111 -5.43 -11.12 -2.93
C GLN A 111 -6.76 -11.30 -2.18
N LEU A 112 -7.86 -11.44 -2.94
CA LEU A 112 -9.26 -11.39 -2.45
C LEU A 112 -10.23 -11.12 -3.64
N ASN A 113 -11.33 -10.42 -3.35
CA ASN A 113 -12.18 -9.67 -4.31
C ASN A 113 -13.52 -10.36 -4.52
N ALA A 114 -14.34 -9.79 -5.41
CA ALA A 114 -15.78 -10.00 -5.40
C ALA A 114 -16.34 -9.12 -4.25
N ALA A 115 -16.23 -7.79 -4.42
CA ALA A 115 -16.68 -6.77 -3.42
C ALA A 115 -15.92 -6.73 -2.05
N CYS A 116 -14.67 -7.19 -2.02
CA CYS A 116 -13.80 -7.07 -0.84
C CYS A 116 -12.91 -5.81 -0.87
N SER A 117 -13.34 -4.79 -0.14
CA SER A 117 -12.58 -3.54 -0.05
C SER A 117 -11.28 -3.74 0.77
N VAL A 118 -10.21 -3.05 0.37
CA VAL A 118 -9.01 -2.99 1.20
C VAL A 118 -8.54 -1.57 1.38
N ASN A 119 -8.62 -1.13 2.61
CA ASN A 119 -8.45 0.25 2.94
C ASN A 119 -7.21 0.46 3.79
N ILE A 120 -6.30 1.28 3.28
CA ILE A 120 -4.96 1.43 3.81
C ILE A 120 -4.61 2.86 4.14
N ILE A 121 -4.12 3.09 5.36
CA ILE A 121 -3.65 4.41 5.74
C ILE A 121 -2.41 4.82 4.88
N PRO A 122 -2.54 5.87 4.04
CA PRO A 122 -1.39 6.18 3.17
C PRO A 122 -0.29 7.00 3.89
N ALA A 123 0.45 6.33 4.78
CA ALA A 123 1.40 7.01 5.63
C ALA A 123 2.29 6.05 6.29
N PRO A 124 3.43 6.55 6.76
CA PRO A 124 4.31 5.60 7.45
C PRO A 124 3.71 5.34 8.79
N LEU A 125 4.20 4.33 9.49
CA LEU A 125 3.75 4.07 10.84
C LEU A 125 4.05 5.24 11.79
N ARG A 126 5.24 5.80 11.63
CA ARG A 126 5.71 6.80 12.57
C ARG A 126 6.22 7.98 11.82
N ALA A 127 5.77 9.18 12.09
CA ALA A 127 6.36 10.34 11.49
C ALA A 127 7.62 10.79 12.29
N SER A 128 8.52 11.57 11.68
CA SER A 128 9.65 12.15 12.40
C SER A 128 9.34 13.20 13.52
N SER A 129 8.15 13.76 13.62
CA SER A 129 7.81 14.70 14.71
C SER A 129 6.30 14.68 14.98
N ALA A 130 5.90 15.10 16.17
CA ALA A 130 4.50 15.22 16.48
C ALA A 130 3.79 16.23 15.55
N ASP A 131 4.41 17.34 15.24
CA ASP A 131 3.85 18.30 14.26
C ASP A 131 3.42 17.65 12.96
N ILE A 132 4.33 16.91 12.38
CA ILE A 132 4.08 16.17 11.10
C ILE A 132 3.08 15.04 11.28
N ALA A 133 3.11 14.34 12.42
CA ALA A 133 2.09 13.36 12.72
C ALA A 133 0.69 13.98 12.69
N ARG A 134 0.52 15.11 13.36
CA ARG A 134 -0.78 15.82 13.41
C ARG A 134 -1.26 16.27 12.05
N THR A 135 -0.37 16.85 11.27
CA THR A 135 -0.69 17.18 9.87
C THR A 135 -1.15 16.01 9.01
N LEU A 136 -0.43 14.92 9.10
CA LEU A 136 -0.82 13.78 8.34
C LEU A 136 -2.17 13.28 8.84
N LYS A 137 -2.36 13.17 10.15
CA LYS A 137 -3.67 12.77 10.68
C LYS A 137 -4.77 13.66 10.16
N ASN A 138 -4.52 14.94 9.92
CA ASN A 138 -5.58 15.80 9.35
C ASN A 138 -5.78 15.75 7.85
N GLU A 139 -4.88 15.14 7.08
CA GLU A 139 -5.17 14.96 5.66
C GLU A 139 -6.43 14.10 5.44
N ASN A 140 -7.26 14.48 4.48
CA ASN A 140 -8.48 13.76 4.18
C ASN A 140 -8.38 12.28 3.94
N CYS A 141 -7.40 11.88 3.13
CA CYS A 141 -7.22 10.48 2.79
C CYS A 141 -6.85 9.68 4.03
N VAL A 142 -6.25 10.32 5.03
CA VAL A 142 -5.87 9.59 6.27
C VAL A 142 -7.02 9.57 7.29
N LYS A 143 -7.71 10.71 7.42
CA LYS A 143 -8.87 10.85 8.31
C LYS A 143 -9.95 9.85 7.90
N ASP A 144 -10.25 9.77 6.62
CA ASP A 144 -11.24 8.83 6.12
C ASP A 144 -10.96 7.35 6.54
N VAL A 145 -9.72 6.92 6.43
CA VAL A 145 -9.39 5.55 6.83
C VAL A 145 -9.38 5.36 8.34
N LEU A 146 -8.89 6.33 9.08
CA LEU A 146 -8.95 6.25 10.54
C LEU A 146 -10.38 6.06 11.08
N LEU A 147 -11.34 6.70 10.44
CA LEU A 147 -12.73 6.58 10.84
C LEU A 147 -13.24 5.19 10.53
N ALA A 148 -13.06 4.75 9.32
CA ALA A 148 -13.37 3.38 8.91
C ALA A 148 -12.83 2.34 9.93
N ALA A 149 -11.52 2.41 10.21
CA ALA A 149 -10.90 1.51 11.16
C ALA A 149 -11.64 1.53 12.50
N GLN A 150 -11.95 2.71 13.01
CA GLN A 150 -12.59 2.76 14.33
C GLN A 150 -13.99 2.17 14.29
N ALA A 151 -14.54 2.04 13.07
CA ALA A 151 -15.86 1.45 12.89
C ALA A 151 -15.90 -0.04 12.58
N ALA A 152 -14.77 -0.74 12.65
CA ALA A 152 -14.77 -2.14 12.29
C ALA A 152 -15.52 -3.02 13.28
N ASP A 153 -15.81 -4.24 12.84
CA ASP A 153 -16.51 -5.21 13.63
C ASP A 153 -15.53 -6.02 14.50
N VAL A 154 -14.39 -6.34 13.93
CA VAL A 154 -13.36 -7.10 14.60
C VAL A 154 -11.98 -6.51 14.30
N ALA A 155 -11.12 -6.55 15.32
CA ALA A 155 -9.72 -6.21 15.16
C ALA A 155 -8.80 -7.39 15.46
N ILE A 156 -7.71 -7.48 14.73
CA ILE A 156 -6.68 -8.47 14.99
C ILE A 156 -5.36 -7.69 15.18
N VAL A 157 -4.67 -7.92 16.30
CA VAL A 157 -3.42 -7.20 16.61
C VAL A 157 -2.42 -8.13 17.27
N GLY A 158 -1.14 -7.79 17.08
CA GLY A 158 -0.08 -8.41 17.77
C GLY A 158 0.16 -7.64 19.03
N ILE A 159 1.06 -8.16 19.86
CA ILE A 159 1.49 -7.49 21.04
C ILE A 159 2.97 -7.62 21.08
N GLY A 160 3.63 -6.51 21.39
CA GLY A 160 5.11 -6.48 21.47
C GLY A 160 5.53 -6.34 22.92
N ALA A 161 6.76 -6.73 23.21
CA ALA A 161 7.24 -6.67 24.61
C ALA A 161 8.63 -6.05 24.71
N VAL A 162 8.75 -5.14 25.63
CA VAL A 162 10.00 -4.47 25.88
C VAL A 162 11.08 -5.51 26.16
N SER A 163 10.73 -6.57 26.86
CA SER A 163 11.71 -7.56 27.25
C SER A 163 12.24 -8.40 26.07
N GLN A 164 11.65 -8.31 24.87
CA GLN A 164 12.23 -8.95 23.68
C GLN A 164 13.47 -8.17 23.22
N GLN A 165 13.63 -6.98 23.77
CA GLN A 165 14.74 -6.16 23.41
C GLN A 165 14.90 -6.17 21.88
N ASP A 166 15.93 -6.86 21.47
CA ASP A 166 16.51 -6.80 20.16
C ASP A 166 15.72 -7.62 19.12
N ASP A 167 15.10 -8.72 19.55
CA ASP A 167 14.15 -9.47 18.70
C ASP A 167 12.83 -8.74 18.38
N ALA A 168 12.49 -7.66 19.08
CA ALA A 168 11.20 -6.97 18.85
C ALA A 168 11.04 -6.46 17.42
N THR A 169 9.89 -6.70 16.83
CA THR A 169 9.59 -6.26 15.48
C THR A 169 9.76 -4.77 15.33
N ILE A 170 9.44 -4.03 16.36
CA ILE A 170 9.49 -2.60 16.22
C ILE A 170 10.95 -2.09 16.19
N ILE A 171 11.88 -2.88 16.74
CA ILE A 171 13.30 -2.58 16.66
C ILE A 171 13.79 -3.09 15.27
N ARG A 172 13.49 -4.34 14.90
CA ARG A 172 13.98 -4.89 13.66
C ARG A 172 13.47 -4.15 12.41
N SER A 173 12.31 -3.49 12.48
CA SER A 173 11.85 -2.61 11.39
C SER A 173 12.42 -1.22 11.45
N GLY A 174 13.16 -0.90 12.50
CA GLY A 174 13.72 0.42 12.59
C GLY A 174 12.76 1.54 12.88
N TYR A 175 11.62 1.23 13.50
CA TYR A 175 10.65 2.26 13.87
C TYR A 175 11.00 2.92 15.18
N ILE A 176 11.66 2.19 16.10
CA ILE A 176 12.36 2.89 17.18
C ILE A 176 13.81 2.46 17.30
N SER A 177 14.61 3.30 17.96
CA SER A 177 16.00 2.95 18.25
C SER A 177 16.14 2.18 19.57
N GLN A 178 17.33 1.60 19.71
CA GLN A 178 17.62 0.82 20.89
C GLN A 178 17.63 1.73 22.17
N GLY A 179 18.19 2.92 22.05
CA GLY A 179 18.09 3.94 23.04
C GLY A 179 16.66 4.27 23.42
N GLU A 180 15.77 4.41 22.42
CA GLU A 180 14.38 4.66 22.75
C GLU A 180 13.81 3.52 23.56
N GLN A 181 14.10 2.32 23.14
CA GLN A 181 13.57 1.15 23.80
C GLN A 181 14.02 1.06 25.26
N LEU A 182 15.29 1.37 25.51
CA LEU A 182 15.79 1.32 26.89
C LEU A 182 15.11 2.38 27.79
N MET A 183 14.84 3.58 27.25
CA MET A 183 14.14 4.61 28.04
C MET A 183 12.67 4.29 28.19
N ILE A 184 12.10 3.70 27.16
CA ILE A 184 10.74 3.27 27.24
C ILE A 184 10.64 2.29 28.39
N GLY A 185 11.53 1.30 28.45
CA GLY A 185 11.60 0.35 29.61
C GLY A 185 11.85 1.00 30.98
N ARG A 186 12.81 1.90 31.06
CA ARG A 186 13.05 2.68 32.28
C ARG A 186 11.81 3.42 32.74
N LYS A 187 11.00 3.85 31.80
CA LYS A 187 9.82 4.58 32.13
C LYS A 187 8.66 3.68 32.61
N GLY A 188 8.89 2.39 32.78
CA GLY A 188 7.86 1.48 33.22
C GLY A 188 7.04 0.73 32.17
N ALA A 189 7.28 0.95 30.89
CA ALA A 189 6.54 0.20 29.88
C ALA A 189 6.93 -1.25 29.92
N VAL A 190 5.96 -2.14 29.68
CA VAL A 190 6.26 -3.57 29.51
C VAL A 190 5.93 -4.06 28.11
N GLY A 191 5.07 -3.36 27.40
CA GLY A 191 4.62 -3.93 26.14
C GLY A 191 4.02 -2.89 25.27
N ASP A 192 3.70 -3.24 24.03
CA ASP A 192 3.01 -2.31 23.17
C ASP A 192 1.95 -2.92 22.26
N ILE A 193 0.91 -2.12 21.94
CA ILE A 193 0.03 -2.38 20.80
C ILE A 193 -0.01 -1.19 19.83
N LEU A 194 0.22 -1.48 18.54
CA LEU A 194 0.28 -0.46 17.44
C LEU A 194 1.28 0.64 17.74
N GLY A 195 2.31 0.30 18.51
CA GLY A 195 3.40 1.23 18.85
C GLY A 195 3.13 2.00 20.11
N TYR A 196 1.95 1.85 20.67
CA TYR A 196 1.67 2.48 21.94
C TYR A 196 1.99 1.51 23.08
N PHE A 197 2.80 1.99 24.02
CA PHE A 197 3.39 1.21 25.07
C PHE A 197 2.68 1.48 26.40
N PHE A 198 2.55 0.45 27.20
CA PHE A 198 1.77 0.53 28.44
C PHE A 198 2.49 -0.20 29.55
N ASP A 199 2.16 0.14 30.78
CA ASP A 199 2.85 -0.43 31.94
C ASP A 199 2.21 -1.71 32.44
N ALA A 200 2.75 -2.32 33.49
CA ALA A 200 2.25 -3.63 33.97
C ALA A 200 0.77 -3.63 34.33
N LYS A 201 0.21 -2.50 34.70
CA LYS A 201 -1.22 -2.46 35.00
C LYS A 201 -2.10 -2.19 33.77
N GLY A 202 -1.48 -2.10 32.59
CA GLY A 202 -2.18 -1.83 31.33
C GLY A 202 -2.53 -0.37 31.09
N ASP A 203 -1.85 0.57 31.77
CA ASP A 203 -2.09 1.99 31.44
C ASP A 203 -1.01 2.49 30.49
N VAL A 204 -1.40 3.31 29.52
CA VAL A 204 -0.51 3.81 28.48
C VAL A 204 0.45 4.79 29.14
N VAL A 205 1.75 4.65 28.89
CA VAL A 205 2.71 5.47 29.61
C VAL A 205 2.75 6.86 29.01
N THR A 206 2.74 7.87 29.87
CA THR A 206 2.42 9.26 29.45
C THR A 206 3.53 10.09 28.76
N ASN A 207 4.77 9.82 29.11
CA ASN A 207 5.86 10.74 28.82
C ASN A 207 6.75 10.19 27.69
N ILE A 208 6.15 9.63 26.66
CA ILE A 208 6.87 8.86 25.69
C ILE A 208 6.56 9.46 24.33
N LYS A 209 7.60 9.91 23.66
CA LYS A 209 7.43 10.74 22.51
C LYS A 209 7.07 10.00 21.23
N ILE A 210 7.33 8.70 21.13
CA ILE A 210 6.81 7.98 20.00
C ILE A 210 5.29 8.08 19.93
N HIS A 211 4.59 8.17 21.06
CA HIS A 211 3.13 8.13 21.03
C HIS A 211 2.52 9.21 20.13
N ASN A 212 3.03 10.43 20.22
CA ASN A 212 2.51 11.57 19.46
C ASN A 212 3.04 11.64 18.02
N GLU A 213 3.90 10.69 17.66
CA GLU A 213 4.44 10.59 16.32
C GLU A 213 3.75 9.52 15.46
N LEU A 214 2.89 8.71 16.09
CA LEU A 214 2.24 7.59 15.41
C LEU A 214 1.09 8.08 14.58
N ILE A 215 0.93 7.53 13.39
CA ILE A 215 -0.12 8.02 12.52
C ILE A 215 -1.49 7.35 12.79
N GLY A 216 -1.48 6.10 13.19
CA GLY A 216 -2.74 5.37 13.37
C GLY A 216 -3.62 5.61 14.58
N LEU A 217 -4.78 4.96 14.58
CA LEU A 217 -5.69 4.85 15.73
C LEU A 217 -5.00 4.80 17.12
N PRO A 218 -5.42 5.66 18.05
CA PRO A 218 -4.91 5.42 19.39
C PRO A 218 -5.65 4.26 20.04
N LEU A 219 -5.06 3.77 21.12
CA LEU A 219 -5.64 2.66 21.90
C LEU A 219 -7.03 2.94 22.44
N SER A 220 -7.24 4.16 22.95
CA SER A 220 -8.57 4.56 23.41
C SER A 220 -9.59 4.44 22.28
N ALA A 221 -9.20 4.65 21.03
CA ALA A 221 -10.15 4.42 19.90
C ALA A 221 -10.31 2.97 19.51
N LEU A 222 -9.21 2.23 19.59
CA LEU A 222 -9.23 0.80 19.26
C LEU A 222 -10.34 0.12 20.09
N LYS A 223 -10.55 0.56 21.32
CA LYS A 223 -11.54 -0.08 22.18
C LYS A 223 -12.98 0.07 21.78
N THR A 224 -13.30 1.01 20.89
CA THR A 224 -14.56 1.04 20.19
C THR A 224 -14.88 -0.24 19.41
N ILE A 225 -13.91 -0.87 18.77
CA ILE A 225 -14.18 -2.13 18.10
C ILE A 225 -14.62 -3.24 19.11
N PRO A 226 -15.74 -3.87 18.84
CA PRO A 226 -16.28 -4.75 19.93
C PRO A 226 -15.54 -6.06 20.22
N VAL A 227 -14.96 -6.66 19.21
CA VAL A 227 -14.22 -7.89 19.35
C VAL A 227 -12.79 -7.58 18.95
N ARG A 228 -11.88 -7.65 19.92
CA ARG A 228 -10.49 -7.31 19.64
C ARG A 228 -9.55 -8.45 20.04
N VAL A 229 -8.98 -9.08 19.02
CA VAL A 229 -8.20 -10.29 19.18
C VAL A 229 -6.72 -10.00 19.16
N GLY A 230 -6.02 -10.45 20.18
CA GLY A 230 -4.58 -10.37 20.25
C GLY A 230 -4.04 -11.76 19.91
N VAL A 231 -3.04 -11.81 19.03
CA VAL A 231 -2.28 -12.99 18.76
C VAL A 231 -0.77 -12.77 19.10
N ALA A 232 -0.28 -13.54 20.07
CA ALA A 232 1.06 -13.32 20.59
C ALA A 232 1.48 -14.53 21.41
N GLY A 233 2.69 -15.01 21.19
CA GLY A 233 3.21 -16.08 22.02
C GLY A 233 4.67 -15.83 22.31
N GLY A 234 5.26 -16.69 23.10
CA GLY A 234 6.66 -16.52 23.48
C GLY A 234 6.63 -16.13 24.93
N GLU A 235 7.42 -16.83 25.74
CA GLU A 235 7.48 -16.61 27.20
C GLU A 235 7.88 -15.19 27.54
N ASN A 236 8.78 -14.59 26.74
CA ASN A 236 9.15 -13.19 26.95
C ASN A 236 8.03 -12.14 26.67
N LYS A 237 6.87 -12.61 26.19
CA LYS A 237 5.75 -11.71 26.05
C LYS A 237 4.69 -11.80 27.14
N ALA A 238 4.86 -12.71 28.10
CA ALA A 238 3.77 -12.98 29.06
C ALA A 238 3.33 -11.72 29.86
N GLU A 239 4.31 -10.96 30.33
CA GLU A 239 4.03 -9.77 31.09
C GLU A 239 3.26 -8.77 30.20
N ALA A 240 3.72 -8.61 28.96
CA ALA A 240 3.14 -7.64 28.05
C ALA A 240 1.70 -8.03 27.74
N ILE A 241 1.44 -9.30 27.50
CA ILE A 241 0.12 -9.79 27.14
C ILE A 241 -0.86 -9.67 28.26
N ALA A 242 -0.42 -9.98 29.47
CA ALA A 242 -1.23 -9.79 30.66
C ALA A 242 -1.59 -8.35 30.80
N ALA A 243 -0.62 -7.46 30.64
CA ALA A 243 -0.94 -6.03 30.83
C ALA A 243 -1.90 -5.52 29.75
N ALA A 244 -1.79 -6.08 28.54
CA ALA A 244 -2.72 -5.71 27.47
C ALA A 244 -4.15 -6.11 27.80
N MET A 245 -4.34 -7.27 28.42
CA MET A 245 -5.65 -7.74 28.84
C MET A 245 -6.16 -6.88 29.97
N LYS A 246 -5.34 -6.63 30.99
CA LYS A 246 -5.67 -5.71 32.08
C LYS A 246 -5.99 -4.31 31.66
N GLY A 247 -5.36 -3.81 30.62
CA GLY A 247 -5.77 -2.52 30.06
C GLY A 247 -7.06 -2.55 29.27
N GLY A 248 -7.57 -3.73 28.94
CA GLY A 248 -8.76 -3.88 28.05
C GLY A 248 -8.56 -3.63 26.54
N TYR A 249 -7.32 -3.58 26.05
CA TYR A 249 -7.08 -3.28 24.63
C TYR A 249 -7.47 -4.48 23.79
N ILE A 250 -7.41 -5.68 24.36
CA ILE A 250 -7.93 -6.87 23.71
C ILE A 250 -8.90 -7.60 24.60
N ASN A 251 -9.88 -8.26 24.00
CA ASN A 251 -10.84 -9.03 24.82
C ASN A 251 -10.96 -10.45 24.30
N ALA A 252 -9.99 -10.86 23.49
CA ALA A 252 -9.82 -12.25 23.10
C ALA A 252 -8.33 -12.47 22.82
N LEU A 253 -7.87 -13.71 22.92
CA LEU A 253 -6.43 -13.97 22.94
C LEU A 253 -6.17 -15.26 22.25
N VAL A 254 -5.14 -15.28 21.42
CA VAL A 254 -4.65 -16.52 20.88
C VAL A 254 -3.18 -16.58 21.23
N THR A 255 -2.78 -17.61 21.99
CA THR A 255 -1.38 -17.79 22.41
C THR A 255 -1.06 -19.28 22.51
N ASP A 256 0.13 -19.61 22.98
CA ASP A 256 0.55 -21.03 23.18
C ASP A 256 0.63 -21.41 24.69
N GLN A 257 0.70 -22.71 24.95
CA GLN A 257 0.71 -23.26 26.33
C GLN A 257 1.75 -22.66 27.28
N ASP A 258 3.01 -22.62 26.84
CA ASP A 258 4.09 -22.13 27.68
C ASP A 258 3.83 -20.67 28.05
N THR A 259 3.39 -19.90 27.06
CA THR A 259 3.13 -18.49 27.29
C THR A 259 1.93 -18.41 28.20
N ALA A 260 0.94 -19.26 27.97
CA ALA A 260 -0.27 -19.26 28.77
C ALA A 260 0.05 -19.54 30.22
N ALA A 261 0.96 -20.48 30.44
CA ALA A 261 1.36 -20.82 31.80
C ALA A 261 1.94 -19.59 32.48
N ALA A 262 2.89 -18.97 31.77
CA ALA A 262 3.63 -17.81 32.29
C ALA A 262 2.71 -16.66 32.58
N ILE A 263 1.72 -16.42 31.71
CA ILE A 263 0.77 -15.32 31.94
C ILE A 263 0.06 -15.51 33.28
N LEU A 264 -0.33 -16.75 33.56
CA LEU A 264 -1.18 -17.02 34.72
C LEU A 264 -0.44 -16.74 36.00
N ARG A 265 0.77 -17.29 36.11
CA ARG A 265 1.71 -17.06 37.26
C ARG A 265 2.06 -15.61 37.61
N SER A 266 2.02 -14.71 36.63
CA SER A 266 2.62 -13.39 36.78
C SER A 266 1.72 -12.44 37.55
N PHE B 17 -2.38 1.44 -47.90
CA PHE B 17 -0.98 0.96 -47.64
C PHE B 17 -0.53 1.26 -46.18
N GLU B 18 -1.48 1.22 -45.24
CA GLU B 18 -1.19 1.49 -43.82
C GLU B 18 -2.10 0.70 -42.83
N GLY B 19 -1.48 -0.29 -42.20
CA GLY B 19 -2.03 -0.95 -41.02
C GLY B 19 -1.02 -0.82 -39.87
N CYS B 20 -1.21 -1.62 -38.83
CA CYS B 20 -0.44 -1.53 -37.61
C CYS B 20 1.04 -1.61 -37.83
N LEU B 21 1.50 -2.49 -38.70
CA LEU B 21 2.96 -2.60 -38.85
C LEU B 21 3.60 -1.30 -39.34
N GLU B 22 2.93 -0.61 -40.27
CA GLU B 22 3.49 0.68 -40.75
CA GLU B 22 3.47 0.63 -40.76
C GLU B 22 3.25 1.78 -39.74
N TYR B 23 2.16 1.71 -38.97
CA TYR B 23 1.99 2.68 -37.84
C TYR B 23 3.11 2.54 -36.84
N GLU B 24 3.45 1.31 -36.46
CA GLU B 24 4.57 1.10 -35.57
C GLU B 24 5.84 1.74 -36.12
N THR B 25 6.08 1.57 -37.41
CA THR B 25 7.29 2.07 -38.01
C THR B 25 7.32 3.61 -38.04
N GLN B 26 6.20 4.19 -38.46
CA GLN B 26 6.05 5.64 -38.52
C GLN B 26 6.18 6.31 -37.14
N LEU B 27 5.44 5.75 -36.17
CA LEU B 27 5.58 6.16 -34.76
C LEU B 27 7.03 6.04 -34.28
N ARG B 28 7.67 4.91 -34.56
CA ARG B 28 9.04 4.70 -34.12
C ARG B 28 9.94 5.84 -34.62
N ARG B 29 9.69 6.27 -35.86
CA ARG B 29 10.67 7.13 -36.53
C ARG B 29 10.32 8.60 -36.34
N GLN B 30 9.02 8.92 -36.25
CA GLN B 30 8.61 10.26 -35.90
C GLN B 30 9.05 10.73 -34.51
N PHE B 31 8.99 9.85 -33.51
CA PHE B 31 9.25 10.26 -32.16
C PHE B 31 10.49 9.61 -31.60
N SER B 32 11.21 8.85 -32.42
CA SER B 32 12.49 8.29 -31.99
C SER B 32 12.28 7.44 -30.74
N LEU B 33 11.47 6.43 -30.90
CA LEU B 33 11.10 5.53 -29.85
C LEU B 33 11.94 4.29 -30.06
N GLN B 34 12.26 3.58 -28.98
CA GLN B 34 13.03 2.37 -29.06
C GLN B 34 12.16 1.14 -29.23
N HIS B 35 10.89 1.18 -28.83
CA HIS B 35 9.98 0.04 -28.96
C HIS B 35 8.54 0.59 -29.08
N VAL B 36 7.74 0.02 -29.96
CA VAL B 36 6.38 0.46 -30.07
C VAL B 36 5.50 -0.72 -30.47
N ARG B 37 4.31 -0.81 -29.90
CA ARG B 37 3.36 -1.86 -30.20
C ARG B 37 2.03 -1.17 -30.50
N VAL B 38 1.46 -1.41 -31.68
CA VAL B 38 0.18 -0.86 -32.01
C VAL B 38 -0.75 -2.06 -32.21
N ILE B 39 -1.78 -2.21 -31.36
CA ILE B 39 -2.78 -3.28 -31.49
C ILE B 39 -3.95 -2.92 -32.44
N PRO B 40 -4.36 -3.89 -33.28
CA PRO B 40 -5.44 -3.64 -34.25
C PRO B 40 -6.74 -3.22 -33.55
N GLY B 41 -7.53 -2.35 -34.19
CA GLY B 41 -8.88 -1.95 -33.70
C GLY B 41 -9.96 -2.96 -34.12
N LEU B 42 -10.64 -3.59 -33.15
CA LEU B 42 -11.67 -4.60 -33.44
C LEU B 42 -13.07 -4.09 -33.12
N ALA B 43 -14.08 -4.91 -33.45
CA ALA B 43 -15.50 -4.63 -33.19
C ALA B 43 -15.82 -4.02 -31.80
N ASP B 44 -15.74 -4.83 -30.73
CA ASP B 44 -16.01 -4.36 -29.36
C ASP B 44 -15.15 -5.04 -28.28
N ALA B 45 -13.94 -5.48 -28.67
CA ALA B 45 -13.14 -6.43 -27.88
C ALA B 45 -12.45 -5.88 -26.61
N ASP B 46 -12.82 -4.67 -26.17
CA ASP B 46 -12.24 -3.98 -25.00
C ASP B 46 -10.75 -3.75 -25.17
N VAL B 47 -10.38 -2.52 -25.56
CA VAL B 47 -8.96 -2.22 -25.76
C VAL B 47 -8.23 -2.20 -24.42
N GLY B 48 -8.85 -1.65 -23.37
CA GLY B 48 -8.23 -1.59 -22.05
C GLY B 48 -7.65 -2.93 -21.63
N GLY B 49 -8.41 -4.00 -21.89
CA GLY B 49 -7.96 -5.37 -21.66
C GLY B 49 -6.86 -5.72 -22.64
N ARG B 50 -7.08 -5.49 -23.93
CA ARG B 50 -6.07 -5.86 -24.94
C ARG B 50 -4.84 -4.96 -24.89
N LEU B 51 -4.96 -3.74 -24.37
CA LEU B 51 -3.80 -2.86 -24.13
C LEU B 51 -2.94 -3.42 -23.01
N GLY B 52 -3.59 -3.88 -21.96
CA GLY B 52 -2.83 -4.50 -20.86
C GLY B 52 -2.09 -5.73 -21.34
N ILE B 53 -2.73 -6.53 -22.18
CA ILE B 53 -2.10 -7.75 -22.68
C ILE B 53 -0.87 -7.33 -23.51
N GLY B 54 -1.06 -6.40 -24.44
CA GLY B 54 0.04 -5.90 -25.30
C GLY B 54 1.22 -5.35 -24.53
N ALA B 55 0.92 -4.57 -23.50
CA ALA B 55 1.98 -3.94 -22.71
C ALA B 55 2.68 -4.94 -21.83
N ALA B 56 1.91 -5.83 -21.20
CA ALA B 56 2.49 -6.98 -20.46
C ALA B 56 3.45 -7.71 -21.39
N HIS B 57 3.00 -8.03 -22.59
CA HIS B 57 3.88 -8.78 -23.50
C HIS B 57 5.10 -7.96 -23.86
N MET B 58 4.96 -6.64 -23.97
CA MET B 58 6.12 -5.80 -24.27
C MET B 58 7.14 -5.78 -23.11
N LEU B 59 6.64 -5.69 -21.90
CA LEU B 59 7.50 -5.72 -20.71
C LEU B 59 8.18 -7.06 -20.53
N MET B 60 7.52 -8.13 -20.94
CA MET B 60 8.12 -9.44 -20.84
C MET B 60 9.37 -9.57 -21.69
N SER B 61 9.40 -8.92 -22.85
CA SER B 61 10.55 -9.06 -23.73
C SER B 61 11.65 -8.13 -23.32
N LEU B 62 11.37 -7.17 -22.44
CA LEU B 62 12.31 -6.14 -22.07
C LEU B 62 12.96 -6.35 -20.70
N LEU B 63 12.24 -6.91 -19.75
CA LEU B 63 12.80 -7.09 -18.40
C LEU B 63 13.64 -8.36 -18.28
N GLN B 64 14.82 -8.24 -17.70
CA GLN B 64 15.70 -9.39 -17.47
C GLN B 64 15.54 -9.84 -16.04
N PRO B 65 15.99 -11.06 -15.70
CA PRO B 65 15.62 -11.53 -14.37
C PRO B 65 16.25 -10.68 -13.31
N GLN B 66 15.50 -10.46 -12.24
CA GLN B 66 15.95 -9.61 -11.10
C GLN B 66 16.03 -8.09 -11.34
N GLN B 67 15.69 -7.61 -12.52
CA GLN B 67 15.64 -6.16 -12.74
C GLN B 67 14.46 -5.54 -12.00
N MET B 68 14.52 -4.23 -11.90
CA MET B 68 13.57 -3.45 -11.17
C MET B 68 12.64 -2.66 -12.11
N LEU B 69 11.34 -2.82 -11.90
CA LEU B 69 10.28 -2.12 -12.66
C LEU B 69 9.60 -1.04 -11.83
N ALA B 70 9.57 0.16 -12.33
CA ALA B 70 8.85 1.22 -11.69
C ALA B 70 7.45 1.37 -12.31
N ILE B 71 6.46 1.49 -11.43
CA ILE B 71 5.08 1.50 -11.85
C ILE B 71 4.41 2.80 -11.51
N GLY B 72 3.58 3.23 -12.46
CA GLY B 72 2.92 4.51 -12.40
C GLY B 72 1.58 4.29 -11.75
N PHE B 73 0.72 5.28 -11.90
CA PHE B 73 -0.65 5.32 -11.29
C PHE B 73 -1.71 5.09 -12.42
N GLY B 74 -2.87 4.51 -12.11
CA GLY B 74 -4.04 4.49 -13.03
C GLY B 74 -4.45 3.15 -13.63
N GLU B 75 -5.41 3.16 -14.55
CA GLU B 75 -6.07 1.94 -15.01
C GLU B 75 -5.21 1.10 -15.96
N ALA B 76 -4.53 1.73 -16.92
CA ALA B 76 -3.77 0.96 -17.89
C ALA B 76 -2.56 0.29 -17.23
N THR B 77 -1.90 0.99 -16.33
CA THR B 77 -0.81 0.37 -15.61
C THR B 77 -1.32 -0.73 -14.66
N MET B 78 -2.49 -0.58 -14.05
CA MET B 78 -2.94 -1.67 -13.17
C MET B 78 -3.39 -2.88 -14.02
N ASN B 79 -4.07 -2.64 -15.12
CA ASN B 79 -4.47 -3.73 -16.00
CA ASN B 79 -4.48 -3.71 -15.98
C ASN B 79 -3.23 -4.48 -16.50
N THR B 80 -2.20 -3.74 -16.86
CA THR B 80 -0.94 -4.35 -17.27
C THR B 80 -0.31 -5.18 -16.16
N LEU B 81 -0.27 -4.65 -14.97
CA LEU B 81 0.41 -5.36 -13.89
C LEU B 81 -0.21 -6.69 -13.63
N GLN B 82 -1.53 -6.77 -13.70
CA GLN B 82 -2.22 -8.00 -13.31
C GLN B 82 -1.84 -9.04 -14.30
N ARG B 83 -1.72 -8.66 -15.56
CA ARG B 83 -1.37 -9.59 -16.61
C ARG B 83 0.11 -10.04 -16.53
N LEU B 84 0.86 -9.44 -15.61
CA LEU B 84 2.30 -9.58 -15.60
C LEU B 84 2.80 -10.28 -14.34
N SER B 85 1.91 -10.73 -13.47
CA SER B 85 2.31 -11.19 -12.13
C SER B 85 3.01 -12.56 -12.09
N GLY B 86 2.57 -13.48 -12.95
CA GLY B 86 3.30 -14.75 -13.15
C GLY B 86 4.75 -14.52 -13.61
N PHE B 87 4.95 -13.59 -14.54
CA PHE B 87 6.31 -13.23 -14.99
C PHE B 87 7.07 -12.50 -13.88
N ILE B 88 6.39 -11.64 -13.14
CA ILE B 88 7.09 -10.95 -12.06
C ILE B 88 7.65 -11.99 -11.11
N SER B 89 6.85 -13.02 -10.83
CA SER B 89 7.17 -14.01 -9.80
C SER B 89 8.25 -14.92 -10.25
N SER B 90 8.10 -15.46 -11.45
CA SER B 90 9.08 -16.40 -11.94
C SER B 90 10.41 -15.71 -12.24
N GLN B 91 10.40 -14.45 -12.71
CA GLN B 91 11.67 -13.74 -13.03
C GLN B 91 12.26 -12.93 -11.89
N GLN B 92 11.60 -12.94 -10.74
CA GLN B 92 12.09 -12.27 -9.57
C GLN B 92 12.26 -10.78 -9.84
N ILE B 93 11.26 -10.20 -10.50
CA ILE B 93 11.29 -8.78 -10.80
C ILE B 93 11.00 -7.98 -9.52
N ARG B 94 11.71 -6.88 -9.29
CA ARG B 94 11.39 -6.02 -8.14
C ARG B 94 10.51 -4.87 -8.61
N LEU B 95 9.52 -4.53 -7.81
CA LEU B 95 8.63 -3.45 -8.13
C LEU B 95 8.79 -2.28 -7.17
N VAL B 96 8.63 -1.09 -7.71
CA VAL B 96 8.71 0.10 -6.96
C VAL B 96 7.69 1.13 -7.51
N THR B 97 7.06 1.88 -6.62
CA THR B 97 6.07 2.86 -7.03
C THR B 97 6.69 4.19 -7.40
N LEU B 98 6.23 4.79 -8.48
CA LEU B 98 6.66 6.09 -8.93
C LEU B 98 5.88 7.20 -8.19
N SER B 99 4.66 6.89 -7.77
CA SER B 99 3.83 7.91 -7.09
C SER B 99 3.31 7.44 -5.76
N GLY B 100 2.85 8.39 -4.97
CA GLY B 100 2.08 8.08 -3.76
C GLY B 100 0.72 7.55 -4.23
N GLY B 101 -0.18 7.25 -3.33
CA GLY B 101 -1.52 6.94 -3.80
C GLY B 101 -1.73 5.47 -3.68
N VAL B 102 -1.69 5.03 -2.40
CA VAL B 102 -1.19 3.74 -1.93
C VAL B 102 -2.15 2.56 -2.04
N GLY B 103 -3.31 2.72 -1.37
CA GLY B 103 -4.44 1.81 -1.50
C GLY B 103 -5.19 2.31 -2.71
N SER B 104 -4.85 1.70 -3.84
CA SER B 104 -5.11 2.19 -5.20
C SER B 104 -4.04 1.37 -5.92
N TYR B 105 -2.83 1.46 -5.37
CA TYR B 105 -1.89 0.38 -5.46
C TYR B 105 -2.47 -0.80 -4.68
N MET B 106 -3.06 -1.72 -5.41
CA MET B 106 -3.82 -2.87 -4.90
C MET B 106 -4.83 -3.09 -6.00
N THR B 107 -4.64 -4.19 -6.71
CA THR B 107 -5.40 -4.49 -7.92
C THR B 107 -4.84 -5.76 -8.60
N GLY B 108 -3.60 -5.78 -9.12
CA GLY B 108 -2.60 -4.71 -9.01
C GLY B 108 -1.38 -5.23 -8.25
N ILE B 109 -1.12 -4.62 -7.09
CA ILE B 109 -0.12 -5.10 -6.13
C ILE B 109 -0.64 -6.34 -5.39
N GLY B 110 -1.96 -6.52 -5.38
CA GLY B 110 -2.54 -7.80 -4.98
C GLY B 110 -2.12 -8.90 -5.94
N GLN B 111 -2.69 -10.09 -5.77
CA GLN B 111 -2.43 -11.27 -6.62
C GLN B 111 -0.95 -11.56 -6.87
N LEU B 112 -0.13 -11.40 -5.84
CA LEU B 112 1.30 -11.49 -6.02
C LEU B 112 1.99 -12.39 -5.01
N ASN B 113 2.91 -13.20 -5.51
CA ASN B 113 4.03 -13.79 -4.76
C ASN B 113 3.57 -14.42 -3.43
N ALA B 114 4.27 -14.30 -2.28
CA ALA B 114 5.15 -13.20 -1.87
C ALA B 114 6.69 -13.44 -1.90
N ALA B 115 7.21 -14.24 -2.83
CA ALA B 115 8.67 -14.20 -3.16
C ALA B 115 8.94 -12.88 -3.88
N CYS B 116 8.79 -11.75 -3.16
CA CYS B 116 8.47 -10.43 -3.76
C CYS B 116 9.61 -9.39 -3.97
N SER B 117 9.61 -8.41 -3.07
CA SER B 117 10.22 -7.09 -3.23
C SER B 117 9.24 -6.10 -3.92
N VAL B 118 8.45 -5.46 -3.05
CA VAL B 118 7.52 -4.42 -3.43
C VAL B 118 7.76 -3.18 -2.53
N ASN B 119 8.30 -2.14 -3.16
CA ASN B 119 8.60 -0.91 -2.52
C ASN B 119 7.55 0.16 -2.80
N ILE B 120 6.89 0.66 -1.77
CA ILE B 120 5.72 1.49 -1.93
C ILE B 120 5.94 2.80 -1.22
N ILE B 121 5.72 3.93 -1.90
CA ILE B 121 5.84 5.23 -1.27
C ILE B 121 4.71 5.38 -0.24
N PRO B 122 5.04 5.46 1.05
CA PRO B 122 3.99 5.43 2.10
C PRO B 122 3.43 6.83 2.34
N ALA B 123 2.60 7.23 1.40
CA ALA B 123 2.11 8.57 1.31
C ALA B 123 1.01 8.65 0.26
N PRO B 124 0.19 9.68 0.36
CA PRO B 124 -0.86 9.85 -0.68
C PRO B 124 -0.29 10.40 -1.98
N LEU B 125 -1.07 10.36 -3.05
CA LEU B 125 -0.61 10.87 -4.33
C LEU B 125 -0.35 12.39 -4.21
N ARG B 126 -1.25 13.09 -3.57
CA ARG B 126 -1.22 14.57 -3.55
C ARG B 126 -1.52 15.02 -2.17
N ALA B 127 -0.68 15.86 -1.65
CA ALA B 127 -0.89 16.47 -0.36
C ALA B 127 -1.75 17.75 -0.52
N SER B 128 -2.28 18.25 0.56
CA SER B 128 -3.17 19.38 0.48
C SER B 128 -2.47 20.73 0.46
N SER B 129 -1.15 20.77 0.59
CA SER B 129 -0.33 21.98 0.37
C SER B 129 1.12 21.64 -0.02
N ALA B 130 1.73 22.54 -0.77
CA ALA B 130 3.13 22.42 -1.11
C ALA B 130 4.05 22.23 0.10
N ASP B 131 3.83 22.95 1.19
CA ASP B 131 4.64 22.73 2.40
C ASP B 131 4.49 21.32 2.92
N ILE B 132 3.25 20.84 3.00
CA ILE B 132 3.02 19.49 3.48
C ILE B 132 3.76 18.49 2.57
N ALA B 133 3.68 18.71 1.25
CA ALA B 133 4.37 17.84 0.27
C ALA B 133 5.89 17.80 0.43
N ARG B 134 6.49 18.98 0.62
CA ARG B 134 7.94 19.07 0.88
C ARG B 134 8.31 18.27 2.13
N THR B 135 7.49 18.39 3.16
CA THR B 135 7.73 17.69 4.43
C THR B 135 7.67 16.19 4.21
N LEU B 136 6.67 15.74 3.49
CA LEU B 136 6.60 14.29 3.22
C LEU B 136 7.71 13.75 2.37
N LYS B 137 8.12 14.52 1.36
CA LYS B 137 9.26 14.14 0.51
C LYS B 137 10.55 13.97 1.27
N ASN B 138 10.73 14.74 2.34
CA ASN B 138 11.90 14.58 3.21
C ASN B 138 11.79 13.55 4.35
N GLU B 139 10.67 12.88 4.59
CA GLU B 139 10.70 11.79 5.55
C GLU B 139 11.57 10.65 4.96
N ASN B 140 12.34 9.97 5.80
CA ASN B 140 13.22 8.90 5.37
C ASN B 140 12.56 7.82 4.54
N CYS B 141 11.43 7.32 5.04
CA CYS B 141 10.69 6.26 4.38
C CYS B 141 10.23 6.61 2.96
N VAL B 142 10.05 7.88 2.64
CA VAL B 142 9.60 8.29 1.32
C VAL B 142 10.81 8.55 0.44
N LYS B 143 11.75 9.32 0.99
CA LYS B 143 12.97 9.65 0.33
C LYS B 143 13.69 8.37 -0.18
N ASP B 144 13.76 7.35 0.63
CA ASP B 144 14.39 6.10 0.21
C ASP B 144 13.68 5.43 -1.00
N VAL B 145 12.35 5.58 -1.07
CA VAL B 145 11.62 4.88 -2.10
C VAL B 145 11.73 5.70 -3.33
N LEU B 146 11.70 7.01 -3.21
CA LEU B 146 11.91 7.90 -4.34
C LEU B 146 13.25 7.65 -5.05
N LEU B 147 14.30 7.50 -4.24
CA LEU B 147 15.60 7.17 -4.77
C LEU B 147 15.59 5.85 -5.54
N ALA B 148 15.01 4.84 -4.91
CA ALA B 148 14.90 3.54 -5.50
C ALA B 148 14.15 3.61 -6.86
N ALA B 149 13.16 4.50 -6.96
CA ALA B 149 12.27 4.53 -8.12
C ALA B 149 13.02 5.13 -9.28
N GLN B 150 13.78 6.17 -9.02
CA GLN B 150 14.66 6.79 -10.02
C GLN B 150 15.78 5.90 -10.54
N ALA B 151 16.10 4.83 -9.79
CA ALA B 151 17.13 3.88 -10.25
C ALA B 151 16.54 2.64 -10.93
N ALA B 152 15.26 2.62 -11.28
CA ALA B 152 14.72 1.38 -11.89
C ALA B 152 15.27 1.23 -13.30
N ASP B 153 15.23 -0.02 -13.81
CA ASP B 153 15.63 -0.34 -15.18
C ASP B 153 14.51 0.00 -16.21
N VAL B 154 13.25 -0.12 -15.80
CA VAL B 154 12.10 -0.03 -16.70
C VAL B 154 10.97 0.64 -15.92
N ALA B 155 10.30 1.53 -16.58
CA ALA B 155 9.13 2.19 -16.06
C ALA B 155 7.92 1.88 -16.97
N ILE B 156 6.76 1.75 -16.33
CA ILE B 156 5.50 1.63 -17.04
C ILE B 156 4.57 2.70 -16.47
N VAL B 157 4.12 3.63 -17.30
CA VAL B 157 3.11 4.64 -16.93
C VAL B 157 1.96 4.76 -17.92
N GLY B 158 0.86 5.30 -17.42
CA GLY B 158 -0.26 5.75 -18.21
C GLY B 158 -0.10 7.20 -18.61
N ILE B 159 -1.00 7.65 -19.46
CA ILE B 159 -1.04 9.04 -19.90
C ILE B 159 -2.47 9.52 -19.84
N GLY B 160 -2.67 10.56 -19.06
CA GLY B 160 -3.97 11.17 -18.97
C GLY B 160 -4.20 12.33 -19.91
N ALA B 161 -5.44 12.60 -20.25
CA ALA B 161 -5.69 13.74 -21.15
C ALA B 161 -6.77 14.69 -20.68
N VAL B 162 -6.51 15.97 -20.87
CA VAL B 162 -7.39 17.03 -20.46
C VAL B 162 -8.67 16.93 -21.26
N SER B 163 -8.58 16.54 -22.52
CA SER B 163 -9.79 16.24 -23.33
C SER B 163 -10.78 15.22 -22.79
N GLN B 164 -10.35 14.38 -21.85
CA GLN B 164 -11.19 13.34 -21.29
C GLN B 164 -12.23 13.95 -20.32
N GLN B 165 -11.97 15.17 -19.88
CA GLN B 165 -12.85 15.84 -18.96
C GLN B 165 -13.18 14.91 -17.80
N ASP B 166 -14.46 14.63 -17.55
CA ASP B 166 -14.87 13.94 -16.30
C ASP B 166 -14.58 12.43 -16.37
N ASP B 167 -14.22 11.91 -17.56
CA ASP B 167 -13.86 10.50 -17.62
C ASP B 167 -12.39 10.25 -17.26
N ALA B 168 -11.59 11.30 -16.99
CA ALA B 168 -10.19 11.08 -16.69
C ALA B 168 -10.11 10.44 -15.33
N THR B 169 -9.20 9.48 -15.19
CA THR B 169 -8.91 8.84 -13.90
C THR B 169 -8.60 9.82 -12.78
N ILE B 170 -7.90 10.88 -13.07
CA ILE B 170 -7.55 11.84 -12.05
C ILE B 170 -8.76 12.64 -11.48
N ILE B 171 -9.86 12.73 -12.22
CA ILE B 171 -11.13 13.28 -11.72
C ILE B 171 -11.91 12.19 -10.98
N ARG B 172 -12.18 11.07 -11.64
CA ARG B 172 -12.86 9.93 -10.99
C ARG B 172 -12.25 9.50 -9.66
N SER B 173 -10.96 9.63 -9.49
CA SER B 173 -10.37 9.29 -8.21
C SER B 173 -10.35 10.47 -7.24
N GLY B 174 -10.87 11.62 -7.67
CA GLY B 174 -10.95 12.75 -6.77
C GLY B 174 -9.66 13.44 -6.45
N TYR B 175 -8.66 13.32 -7.33
CA TYR B 175 -7.34 13.89 -7.07
C TYR B 175 -7.19 15.35 -7.52
N ILE B 176 -7.99 15.75 -8.49
CA ILE B 176 -8.26 17.18 -8.76
C ILE B 176 -9.73 17.39 -8.94
N SER B 177 -10.14 18.64 -8.84
CA SER B 177 -11.55 19.01 -9.01
C SER B 177 -11.74 19.39 -10.45
N GLN B 178 -13.01 19.55 -10.82
CA GLN B 178 -13.40 19.94 -12.13
C GLN B 178 -12.88 21.37 -12.50
N GLY B 179 -13.04 22.31 -11.60
CA GLY B 179 -12.51 23.64 -11.71
C GLY B 179 -11.01 23.64 -11.96
N GLU B 180 -10.29 22.79 -11.26
CA GLU B 180 -8.86 22.65 -11.45
C GLU B 180 -8.56 22.22 -12.84
N GLN B 181 -9.30 21.24 -13.34
CA GLN B 181 -9.04 20.69 -14.65
C GLN B 181 -9.33 21.74 -15.70
N LEU B 182 -10.45 22.47 -15.55
CA LEU B 182 -10.70 23.59 -16.45
C LEU B 182 -9.53 24.58 -16.45
N MET B 183 -9.02 24.99 -15.28
CA MET B 183 -7.97 26.00 -15.28
C MET B 183 -6.67 25.46 -15.88
N ILE B 184 -6.45 24.18 -15.66
CA ILE B 184 -5.27 23.53 -16.19
C ILE B 184 -5.32 23.57 -17.72
N GLY B 185 -6.48 23.27 -18.30
CA GLY B 185 -6.78 23.41 -19.73
C GLY B 185 -6.58 24.84 -20.20
N ARG B 186 -7.08 25.81 -19.46
CA ARG B 186 -6.90 27.22 -19.86
CA ARG B 186 -6.89 27.22 -19.80
C ARG B 186 -5.42 27.60 -19.85
N LYS B 187 -4.63 26.99 -18.98
CA LYS B 187 -3.24 27.33 -18.95
C LYS B 187 -2.41 26.65 -20.03
N GLY B 188 -3.03 25.91 -20.95
CA GLY B 188 -2.33 25.27 -22.11
C GLY B 188 -2.02 23.77 -22.00
N ALA B 189 -2.31 23.17 -20.86
CA ALA B 189 -1.94 21.77 -20.68
C ALA B 189 -2.80 20.93 -21.54
N VAL B 190 -2.27 19.82 -22.04
CA VAL B 190 -3.06 18.87 -22.81
C VAL B 190 -3.07 17.47 -22.22
N GLY B 191 -2.17 17.19 -21.32
CA GLY B 191 -2.11 15.87 -20.73
C GLY B 191 -1.17 15.83 -19.56
N ASP B 192 -1.15 14.66 -18.91
CA ASP B 192 -0.30 14.41 -17.80
C ASP B 192 0.29 13.02 -17.67
N ILE B 193 1.43 12.96 -16.99
CA ILE B 193 1.99 11.74 -16.52
C ILE B 193 2.28 11.91 -15.05
N LEU B 194 1.72 10.97 -14.26
CA LEU B 194 1.86 10.95 -12.81
C LEU B 194 1.29 12.22 -12.15
N GLY B 195 0.34 12.87 -12.81
CA GLY B 195 -0.28 14.12 -12.30
C GLY B 195 0.47 15.39 -12.65
N TYR B 196 1.58 15.29 -13.37
CA TYR B 196 2.28 16.45 -13.90
C TYR B 196 1.76 16.72 -15.32
N PHE B 197 1.27 17.94 -15.51
CA PHE B 197 0.67 18.31 -16.77
C PHE B 197 1.62 19.10 -17.62
N PHE B 198 1.59 18.77 -18.90
CA PHE B 198 2.38 19.41 -19.93
C PHE B 198 1.55 19.88 -21.14
N ASP B 199 2.11 20.88 -21.83
CA ASP B 199 1.49 21.42 -23.03
C ASP B 199 1.78 20.56 -24.28
N ALA B 200 1.25 20.99 -25.44
CA ALA B 200 1.37 20.27 -26.74
C ALA B 200 2.82 20.00 -27.22
N LYS B 201 3.75 20.90 -26.92
CA LYS B 201 5.18 20.67 -27.13
C LYS B 201 5.90 19.73 -26.17
N GLY B 202 5.26 19.39 -25.06
CA GLY B 202 5.78 18.42 -24.11
C GLY B 202 6.48 19.06 -22.96
N ASP B 203 6.19 20.34 -22.74
CA ASP B 203 6.79 21.10 -21.62
C ASP B 203 5.82 21.15 -20.44
N VAL B 204 6.38 20.92 -19.27
CA VAL B 204 5.61 20.90 -18.08
C VAL B 204 5.09 22.30 -17.86
N VAL B 205 3.78 22.43 -17.66
CA VAL B 205 3.20 23.76 -17.48
C VAL B 205 3.55 24.35 -16.14
N THR B 206 3.89 25.63 -16.24
CA THR B 206 4.36 26.53 -15.18
C THR B 206 3.45 26.77 -13.96
N ASN B 207 2.26 27.25 -14.14
CA ASN B 207 1.65 27.89 -12.99
C ASN B 207 0.60 27.01 -12.31
N ILE B 208 0.90 25.75 -12.09
CA ILE B 208 -0.10 24.80 -11.63
C ILE B 208 0.24 24.31 -10.22
N LYS B 209 -0.70 24.52 -9.31
CA LYS B 209 -0.42 24.22 -7.93
CA LYS B 209 -0.55 24.21 -7.89
C LYS B 209 -0.34 22.73 -7.65
N ILE B 210 -1.14 21.90 -8.32
CA ILE B 210 -1.04 20.49 -8.04
C ILE B 210 0.40 20.02 -8.15
N HIS B 211 1.17 20.59 -9.08
CA HIS B 211 2.55 20.15 -9.29
C HIS B 211 3.41 20.13 -8.05
N ASN B 212 3.34 21.18 -7.25
CA ASN B 212 4.10 21.26 -6.01
C ASN B 212 3.47 20.47 -4.83
N GLU B 213 2.36 19.81 -5.08
CA GLU B 213 1.71 19.07 -4.01
C GLU B 213 1.81 17.58 -4.19
N LEU B 214 2.33 17.14 -5.32
CA LEU B 214 2.46 15.75 -5.64
C LEU B 214 3.59 15.15 -4.85
N ILE B 215 3.41 13.94 -4.36
CA ILE B 215 4.48 13.34 -3.58
C ILE B 215 5.50 12.58 -4.44
N GLY B 216 5.04 11.81 -5.44
CA GLY B 216 6.00 11.05 -6.27
C GLY B 216 7.17 11.74 -7.04
N LEU B 217 7.86 10.95 -7.85
CA LEU B 217 9.07 11.35 -8.60
C LEU B 217 8.71 12.41 -9.63
N PRO B 218 9.52 13.47 -9.80
CA PRO B 218 9.02 14.34 -10.88
C PRO B 218 9.38 13.82 -12.29
N LEU B 219 8.80 14.43 -13.31
CA LEU B 219 9.07 14.01 -14.68
C LEU B 219 10.56 14.12 -15.10
N SER B 220 11.25 15.17 -14.64
CA SER B 220 12.67 15.31 -14.99
C SER B 220 13.47 14.16 -14.42
N ALA B 221 13.05 13.62 -13.29
CA ALA B 221 13.72 12.46 -12.70
C ALA B 221 13.32 11.18 -13.32
N LEU B 222 12.07 11.10 -13.78
CA LEU B 222 11.59 9.89 -14.43
C LEU B 222 12.45 9.59 -15.66
N LYS B 223 12.98 10.64 -16.28
CA LYS B 223 13.79 10.46 -17.46
C LYS B 223 15.13 9.79 -17.19
N THR B 224 15.54 9.58 -15.94
CA THR B 224 16.74 8.85 -15.66
C THR B 224 16.55 7.38 -15.98
N ILE B 225 15.33 6.86 -15.85
CA ILE B 225 15.10 5.44 -16.07
C ILE B 225 15.20 5.22 -17.56
N PRO B 226 15.99 4.23 -17.99
CA PRO B 226 16.40 4.17 -19.40
C PRO B 226 15.35 3.68 -20.39
N VAL B 227 14.45 2.80 -19.94
CA VAL B 227 13.34 2.36 -20.76
C VAL B 227 12.00 2.73 -20.13
N ARG B 228 11.27 3.63 -20.80
CA ARG B 228 10.04 4.19 -20.21
C ARG B 228 8.83 3.95 -21.10
N VAL B 229 8.00 3.00 -20.70
CA VAL B 229 6.86 2.58 -21.53
C VAL B 229 5.60 3.34 -21.16
N GLY B 230 4.99 4.01 -22.14
CA GLY B 230 3.68 4.58 -21.95
C GLY B 230 2.66 3.59 -22.47
N VAL B 231 1.54 3.44 -21.80
CA VAL B 231 0.44 2.60 -22.29
C VAL B 231 -0.85 3.38 -22.16
N ALA B 232 -1.51 3.58 -23.30
CA ALA B 232 -2.58 4.56 -23.40
C ALA B 232 -3.31 4.43 -24.73
N GLY B 233 -4.65 4.45 -24.63
CA GLY B 233 -5.46 4.41 -25.81
C GLY B 233 -6.72 5.28 -25.74
N GLY B 234 -7.35 5.41 -26.93
CA GLY B 234 -8.51 6.22 -27.20
C GLY B 234 -8.12 7.47 -28.00
N GLU B 235 -8.95 7.79 -28.96
CA GLU B 235 -8.77 8.97 -29.78
C GLU B 235 -8.64 10.28 -28.99
N ASN B 236 -9.41 10.44 -27.91
CA ASN B 236 -9.18 11.63 -27.04
C ASN B 236 -7.81 11.77 -26.35
N LYS B 237 -6.99 10.73 -26.33
CA LYS B 237 -5.66 10.84 -25.72
C LYS B 237 -4.58 11.16 -26.73
N ALA B 238 -4.95 11.25 -28.02
CA ALA B 238 -3.93 11.35 -29.08
C ALA B 238 -3.02 12.54 -28.92
N GLU B 239 -3.57 13.69 -28.59
CA GLU B 239 -2.74 14.89 -28.47
C GLU B 239 -1.86 14.82 -27.21
N ALA B 240 -2.41 14.35 -26.11
CA ALA B 240 -1.58 14.10 -24.94
C ALA B 240 -0.41 13.05 -25.19
N ILE B 241 -0.68 11.95 -25.87
CA ILE B 241 0.33 10.92 -26.08
C ILE B 241 1.49 11.47 -26.92
N ALA B 242 1.14 12.21 -27.96
CA ALA B 242 2.11 12.91 -28.77
C ALA B 242 2.96 13.86 -27.97
N ALA B 243 2.35 14.64 -27.13
CA ALA B 243 3.14 15.60 -26.32
C ALA B 243 4.12 14.87 -25.39
N ALA B 244 3.66 13.75 -24.83
CA ALA B 244 4.46 13.02 -23.89
C ALA B 244 5.73 12.47 -24.56
N MET B 245 5.59 12.06 -25.81
CA MET B 245 6.76 11.61 -26.57
C MET B 245 7.64 12.82 -26.92
N LYS B 246 7.09 13.92 -27.38
CA LYS B 246 7.91 15.09 -27.64
C LYS B 246 8.62 15.59 -26.36
N GLY B 247 8.00 15.44 -25.20
CA GLY B 247 8.67 15.77 -23.97
C GLY B 247 9.81 14.82 -23.64
N GLY B 248 9.82 13.60 -24.20
CA GLY B 248 10.76 12.56 -23.80
C GLY B 248 10.40 11.76 -22.53
N TYR B 249 9.23 12.04 -21.96
CA TYR B 249 8.83 11.37 -20.73
C TYR B 249 8.69 9.89 -20.97
N ILE B 250 8.24 9.49 -22.15
CA ILE B 250 8.30 8.08 -22.59
C ILE B 250 9.13 7.87 -23.85
N ASN B 251 9.74 6.70 -23.96
CA ASN B 251 10.44 6.36 -25.19
C ASN B 251 10.04 4.98 -25.69
N ALA B 252 8.90 4.50 -25.22
CA ALA B 252 8.30 3.32 -25.79
C ALA B 252 6.79 3.46 -25.56
N LEU B 253 5.99 2.92 -26.47
CA LEU B 253 4.55 3.20 -26.46
C LEU B 253 3.80 1.93 -26.75
N VAL B 254 2.69 1.74 -26.04
CA VAL B 254 1.72 0.75 -26.43
C VAL B 254 0.37 1.43 -26.62
N THR B 255 -0.26 1.26 -27.79
CA THR B 255 -1.53 1.93 -28.10
C THR B 255 -2.28 1.16 -29.16
N ASP B 256 -3.47 1.64 -29.52
CA ASP B 256 -4.32 0.94 -30.49
C ASP B 256 -4.25 1.63 -31.85
N GLN B 257 -4.79 0.96 -32.84
CA GLN B 257 -4.75 1.42 -34.22
C GLN B 257 -5.28 2.86 -34.42
N ASP B 258 -6.49 3.11 -33.95
CA ASP B 258 -7.18 4.38 -34.23
C ASP B 258 -6.39 5.51 -33.58
N THR B 259 -6.00 5.27 -32.32
CA THR B 259 -5.20 6.22 -31.59
C THR B 259 -3.89 6.47 -32.33
N ALA B 260 -3.21 5.42 -32.77
CA ALA B 260 -1.93 5.60 -33.44
C ALA B 260 -2.13 6.46 -34.67
N ALA B 261 -3.22 6.19 -35.37
CA ALA B 261 -3.54 6.98 -36.54
C ALA B 261 -3.80 8.46 -36.24
N ALA B 262 -4.62 8.76 -35.24
CA ALA B 262 -4.80 10.17 -34.83
C ALA B 262 -3.50 10.82 -34.39
N ILE B 263 -2.66 10.09 -33.68
CA ILE B 263 -1.38 10.64 -33.27
C ILE B 263 -0.56 11.03 -34.48
N LEU B 264 -0.54 10.21 -35.52
CA LEU B 264 0.39 10.48 -36.60
C LEU B 264 0.00 11.78 -37.26
N ARG B 265 -1.31 12.10 -37.26
CA ARG B 265 -1.85 13.38 -37.80
C ARG B 265 -1.91 14.50 -36.74
N SER B 266 -1.13 14.37 -35.67
CA SER B 266 -0.94 15.44 -34.67
C SER B 266 -0.42 16.75 -35.28
O3P D5X C . 5.73 -9.57 17.67
P D5X C . 4.67 -9.10 16.53
O2P D5X C . 3.88 -10.33 16.09
O1P D5X C . 5.38 -8.44 15.35
O5 D5X C . 3.64 -8.07 16.94
C5 D5X C . 4.03 -6.99 17.76
C4 D5X C . 3.85 -5.70 16.98
O4 D5X C . 4.90 -5.78 16.03
C3 D5X C . 3.96 -4.54 17.97
O3 D5X C . 2.84 -4.19 18.74
O3' D5X C . 5.18 -4.03 18.38
C2 D5X C . 3.78 -3.35 16.96
O2 D5X C . 2.68 -2.89 16.60
C1 D5X C . 5.07 -2.63 16.45
O3P D5X D . -6.15 6.82 -18.09
P D5X D . -5.14 6.05 -17.07
O2P D5X D . -4.73 4.67 -17.67
O1P D5X D . -5.64 5.84 -15.63
O5 D5X D . -3.70 6.80 -16.99
C5 D5X D . -3.58 8.18 -16.63
C4 D5X D . -3.20 8.34 -15.12
O4 D5X D . -4.37 8.11 -14.35
C3 D5X D . -2.66 9.73 -14.84
O3 D5X D . -3.66 10.69 -15.20
O3' D5X D . -1.48 9.95 -15.62
C2 D5X D . -2.30 9.93 -13.32
O2 D5X D . -1.16 9.76 -12.86
C1 D5X D . -3.44 10.41 -12.40
#